data_8HF9
#
_entry.id   8HF9
#
_cell.length_a   39.669
_cell.length_b   65.727
_cell.length_c   105.362
_cell.angle_alpha   90.000
_cell.angle_beta   90.000
_cell.angle_gamma   90.000
#
_symmetry.space_group_name_H-M   'P 21 21 21'
#
loop_
_entity.id
_entity.type
_entity.pdbx_description
1 polymer 'Chitin deacetylase'
2 non-polymer 'ZINC ION'
3 water water
#
_entity_poly.entity_id   1
_entity_poly.type   'polypeptide(L)'
_entity_poly.pdbx_seq_one_letter_code
;MGFTRLLTLVVTVASLLRFDQVTGAHTNDIRSLRARQDTAVPVYDTCTVPGSFALTFDDGPYGFSTRLDSTLNAANAKGS
FFINGQNWGCIYDYADVLLERFNNGHFIASHTWSHVHMNQGTYEQLSHQLELVEQAMIRILGVKPLYMRPPYGEYNDVVL
QVLRDRGYKGLIMWNQDSGDTFTPTPSSAQIIDSYRSFPEKTISLNHEIKDFTVDQVIPAVIPILQQKGFSLQTVPECLG
LSSDPADWYVRVQEPGTRDDSWTCEATPLPGNFEHHHHHH
;
_entity_poly.pdbx_strand_id   A
#
loop_
_chem_comp.id
_chem_comp.type
_chem_comp.name
_chem_comp.formula
ZN non-polymer 'ZINC ION' 'Zn 2'
#
# COMPACT_ATOMS: atom_id res chain seq x y z
N VAL A 41 -15.91 0.01 -10.91
CA VAL A 41 -14.91 0.06 -9.85
C VAL A 41 -14.78 1.48 -9.32
N PRO A 42 -15.14 1.69 -8.06
CA PRO A 42 -15.04 3.03 -7.48
C PRO A 42 -13.59 3.48 -7.32
N VAL A 43 -13.38 4.79 -7.42
CA VAL A 43 -12.11 5.45 -7.15
C VAL A 43 -12.25 6.19 -5.83
N TYR A 44 -11.33 5.95 -4.90
CA TYR A 44 -11.35 6.58 -3.58
C TYR A 44 -10.09 7.42 -3.38
N ASP A 45 -10.25 8.64 -2.86
CA ASP A 45 -9.08 9.43 -2.46
C ASP A 45 -9.17 10.04 -1.06
N THR A 46 -10.30 9.93 -0.36
CA THR A 46 -10.45 10.53 0.96
C THR A 46 -11.22 9.59 1.86
N CYS A 47 -10.83 9.52 3.13
CA CYS A 47 -11.53 8.74 4.13
C CYS A 47 -12.91 9.32 4.38
N THR A 48 -13.78 8.52 4.98
CA THR A 48 -15.11 8.98 5.37
C THR A 48 -15.38 8.86 6.86
N VAL A 49 -14.68 8.00 7.56
CA VAL A 49 -14.92 7.84 9.01
C VAL A 49 -14.39 9.07 9.74
N PRO A 50 -15.20 9.70 10.58
CA PRO A 50 -14.71 10.90 11.27
C PRO A 50 -13.54 10.56 12.18
N GLY A 51 -12.54 11.45 12.18
CA GLY A 51 -11.35 11.27 12.98
C GLY A 51 -10.32 10.30 12.42
N SER A 52 -10.55 9.75 11.23
CA SER A 52 -9.63 8.74 10.72
C SER A 52 -8.52 9.37 9.89
N PHE A 53 -7.43 8.61 9.73
CA PHE A 53 -6.25 9.09 9.01
C PHE A 53 -5.52 7.87 8.47
N ALA A 54 -5.22 7.87 7.17
CA ALA A 54 -4.63 6.70 6.51
C ALA A 54 -3.19 7.03 6.09
N LEU A 55 -2.22 6.44 6.81
CA LEU A 55 -0.84 6.41 6.36
C LEU A 55 -0.68 5.32 5.30
N THR A 56 -0.30 5.69 4.07
CA THR A 56 -0.13 4.70 3.01
C THR A 56 1.30 4.73 2.47
N PHE A 57 1.77 3.58 1.99
CA PHE A 57 3.16 3.42 1.55
C PHE A 57 3.21 2.69 0.23
N ASP A 58 3.88 3.29 -0.75
CA ASP A 58 4.02 2.73 -2.08
C ASP A 58 5.44 2.16 -2.28
N ASP A 59 5.53 1.19 -3.19
CA ASP A 59 6.74 0.65 -3.81
C ASP A 59 7.46 -0.39 -2.96
N GLY A 60 6.92 -0.76 -1.79
CA GLY A 60 7.55 -1.74 -0.94
C GLY A 60 7.21 -3.17 -1.34
N PRO A 61 7.63 -4.14 -0.51
CA PRO A 61 8.49 -3.94 0.66
C PRO A 61 9.93 -3.57 0.28
N TYR A 62 10.76 -3.28 1.27
CA TYR A 62 12.12 -2.80 1.04
C TYR A 62 12.93 -3.10 2.29
N GLY A 63 14.22 -2.77 2.23
CA GLY A 63 15.13 -3.15 3.31
C GLY A 63 14.85 -2.50 4.65
N PHE A 64 13.96 -1.51 4.71
CA PHE A 64 13.59 -0.82 5.95
C PHE A 64 12.20 -1.22 6.47
N SER A 65 11.54 -2.20 5.83
CA SER A 65 10.14 -2.49 6.14
C SER A 65 9.95 -3.10 7.52
N THR A 66 10.89 -3.93 7.98
CA THR A 66 10.72 -4.50 9.32
C THR A 66 10.78 -3.41 10.37
N ARG A 67 11.65 -2.42 10.16
CA ARG A 67 11.70 -1.26 11.05
C ARG A 67 10.39 -0.48 11.03
N LEU A 68 9.90 -0.18 9.82
CA LEU A 68 8.64 0.56 9.69
C LEU A 68 7.50 -0.18 10.39
N ASP A 69 7.36 -1.47 10.11
CA ASP A 69 6.24 -2.21 10.70
C ASP A 69 6.40 -2.28 12.23
N SER A 70 7.63 -2.43 12.72
CA SER A 70 7.83 -2.40 14.16
C SER A 70 7.36 -1.08 14.77
N THR A 71 7.68 0.03 14.10
CA THR A 71 7.23 1.33 14.58
C THR A 71 5.70 1.42 14.58
N LEU A 72 5.07 1.04 13.48
CA LEU A 72 3.61 1.03 13.43
C LEU A 72 3.02 0.13 14.51
N ASN A 73 3.53 -1.11 14.60
CA ASN A 73 2.96 -2.07 15.56
C ASN A 73 3.09 -1.57 16.99
N ALA A 74 4.21 -0.93 17.33
CA ALA A 74 4.41 -0.42 18.69
C ALA A 74 3.39 0.65 19.05
N ALA A 75 2.84 1.36 18.07
CA ALA A 75 1.85 2.39 18.31
C ALA A 75 0.42 1.92 18.07
N ASN A 76 0.22 0.62 17.78
CA ASN A 76 -1.09 0.09 17.42
C ASN A 76 -1.67 0.78 16.19
N ALA A 77 -0.81 1.34 15.34
CA ALA A 77 -1.25 1.97 14.11
C ALA A 77 -1.23 0.96 12.95
N LYS A 78 -2.15 1.15 12.01
CA LYS A 78 -2.26 0.26 10.86
C LYS A 78 -1.94 1.03 9.59
N GLY A 79 -1.02 0.50 8.78
CA GLY A 79 -0.65 1.09 7.51
C GLY A 79 -1.33 0.42 6.33
N SER A 80 -1.29 1.11 5.20
CA SER A 80 -1.79 0.59 3.93
C SER A 80 -0.62 0.51 2.98
N PHE A 81 -0.41 -0.66 2.38
CA PHE A 81 0.78 -0.92 1.58
C PHE A 81 0.39 -1.34 0.17
N PHE A 82 0.85 -0.58 -0.83
CA PHE A 82 0.64 -0.90 -2.23
C PHE A 82 1.97 -1.41 -2.80
N ILE A 83 2.07 -2.75 -2.95
CA ILE A 83 3.34 -3.42 -3.20
C ILE A 83 3.57 -3.63 -4.69
N ASN A 84 4.86 -3.72 -5.05
CA ASN A 84 5.28 -4.09 -6.39
C ASN A 84 5.80 -5.51 -6.39
N GLY A 85 5.80 -6.12 -7.56
CA GLY A 85 6.39 -7.45 -7.66
C GLY A 85 7.88 -7.43 -7.92
N GLN A 86 8.30 -6.54 -8.82
CA GLN A 86 9.68 -6.53 -9.28
C GLN A 86 10.03 -5.07 -9.60
N ASN A 87 10.47 -4.37 -8.57
CA ASN A 87 10.76 -2.94 -8.53
C ASN A 87 11.22 -2.68 -7.09
N TRP A 88 12.46 -2.22 -6.92
CA TRP A 88 13.07 -2.15 -5.60
C TRP A 88 13.00 -3.52 -4.91
N GLY A 89 13.37 -4.55 -5.65
CA GLY A 89 13.43 -5.86 -5.05
C GLY A 89 12.32 -6.77 -5.58
N CYS A 90 12.59 -8.07 -5.49
CA CYS A 90 11.66 -9.08 -5.94
C CYS A 90 10.73 -9.41 -4.76
N ILE A 91 9.41 -9.41 -5.01
CA ILE A 91 8.46 -9.58 -3.91
C ILE A 91 8.70 -10.90 -3.16
N TYR A 92 9.17 -11.94 -3.86
CA TYR A 92 9.42 -13.22 -3.21
C TYR A 92 10.55 -13.13 -2.18
N ASP A 93 11.49 -12.19 -2.37
CA ASP A 93 12.54 -12.01 -1.38
C ASP A 93 12.04 -11.32 -0.12
N TYR A 94 10.82 -10.78 -0.15
CA TYR A 94 10.22 -10.07 0.95
C TYR A 94 9.13 -10.89 1.65
N ALA A 95 9.09 -12.20 1.37
CA ALA A 95 8.02 -13.07 1.87
C ALA A 95 7.84 -12.96 3.37
N ASP A 96 8.94 -12.98 4.13
CA ASP A 96 8.82 -12.93 5.59
C ASP A 96 8.18 -11.62 6.05
N VAL A 97 8.61 -10.49 5.50
CA VAL A 97 7.98 -9.21 5.87
C VAL A 97 6.52 -9.22 5.47
N LEU A 98 6.22 -9.71 4.27
CA LEU A 98 4.84 -9.71 3.81
C LEU A 98 3.96 -10.50 4.75
N LEU A 99 4.47 -11.64 5.26
CA LEU A 99 3.67 -12.47 6.13
C LEU A 99 3.38 -11.78 7.46
N GLU A 100 4.41 -11.18 8.07
CA GLU A 100 4.22 -10.42 9.30
C GLU A 100 3.21 -9.31 9.09
N ARG A 101 3.38 -8.56 8.01
CA ARG A 101 2.49 -7.47 7.68
C ARG A 101 1.06 -7.97 7.52
N PHE A 102 0.89 -9.03 6.76
CA PHE A 102 -0.43 -9.59 6.45
C PHE A 102 -1.15 -10.04 7.72
N ASN A 103 -0.45 -10.77 8.59
CA ASN A 103 -1.05 -11.32 9.80
C ASN A 103 -1.23 -10.29 10.91
N ASN A 104 -0.59 -9.14 10.81
CA ASN A 104 -0.79 -8.07 11.78
C ASN A 104 -1.87 -7.07 11.37
N GLY A 105 -2.72 -7.40 10.40
CA GLY A 105 -3.83 -6.52 10.10
C GLY A 105 -3.50 -5.26 9.33
N HIS A 106 -2.32 -5.19 8.72
CA HIS A 106 -2.06 -4.11 7.78
C HIS A 106 -2.65 -4.46 6.42
N PHE A 107 -3.07 -3.43 5.71
CA PHE A 107 -3.75 -3.55 4.42
C PHE A 107 -2.68 -3.71 3.33
N ILE A 108 -2.76 -4.80 2.56
CA ILE A 108 -1.85 -5.02 1.43
C ILE A 108 -2.66 -5.03 0.14
N ALA A 109 -2.21 -4.24 -0.84
CA ALA A 109 -2.88 -4.12 -2.13
C ALA A 109 -1.84 -4.00 -3.22
N SER A 110 -2.29 -4.07 -4.47
CA SER A 110 -1.40 -4.16 -5.62
C SER A 110 -0.99 -2.78 -6.13
N HIS A 111 0.26 -2.68 -6.59
CA HIS A 111 0.81 -1.49 -7.24
C HIS A 111 1.36 -1.82 -8.62
N THR A 112 0.90 -2.92 -9.22
CA THR A 112 1.40 -3.58 -10.44
C THR A 112 2.74 -4.31 -10.25
N TRP A 113 3.05 -5.20 -11.19
CA TRP A 113 4.25 -6.00 -11.11
C TRP A 113 5.50 -5.15 -11.37
N SER A 114 5.48 -4.39 -12.46
CA SER A 114 6.65 -3.68 -12.97
C SER A 114 6.59 -2.18 -12.76
N HIS A 115 5.61 -1.67 -12.00
CA HIS A 115 5.47 -0.23 -11.76
C HIS A 115 5.32 0.54 -13.09
N VAL A 116 4.39 0.05 -13.93
CA VAL A 116 4.28 0.57 -15.29
C VAL A 116 3.44 1.86 -15.31
N HIS A 117 3.66 2.65 -16.36
CA HIS A 117 2.73 3.72 -16.71
C HIS A 117 1.49 3.06 -17.31
N MET A 118 0.46 2.83 -16.49
CA MET A 118 -0.66 1.99 -16.90
C MET A 118 -1.46 2.57 -18.05
N ASN A 119 -1.35 3.86 -18.32
CA ASN A 119 -2.11 4.42 -19.43
C ASN A 119 -1.52 4.07 -20.78
N GLN A 120 -0.28 3.56 -20.81
CA GLN A 120 0.42 3.20 -22.04
C GLN A 120 0.31 1.71 -22.36
N GLY A 121 -0.49 0.95 -21.60
CA GLY A 121 -0.56 -0.49 -21.76
C GLY A 121 -1.88 -0.93 -22.33
N THR A 122 -1.87 -2.08 -23.00
CA THR A 122 -3.10 -2.68 -23.49
C THR A 122 -3.82 -3.40 -22.35
N TYR A 123 -5.10 -3.71 -22.60
CA TYR A 123 -5.88 -4.56 -21.69
C TYR A 123 -5.08 -5.77 -21.24
N GLU A 124 -4.46 -6.47 -22.20
CA GLU A 124 -3.79 -7.73 -21.93
C GLU A 124 -2.55 -7.53 -21.07
N GLN A 125 -1.75 -6.51 -21.37
CA GLN A 125 -0.53 -6.26 -20.61
C GLN A 125 -0.87 -5.84 -19.19
N LEU A 126 -1.91 -5.04 -19.02
CA LEU A 126 -2.34 -4.64 -17.68
C LEU A 126 -2.85 -5.84 -16.89
N SER A 127 -3.59 -6.73 -17.56
CA SER A 127 -4.08 -7.92 -16.88
C SER A 127 -2.92 -8.79 -16.39
N HIS A 128 -1.91 -8.97 -17.25
CA HIS A 128 -0.69 -9.68 -16.84
C HIS A 128 0.00 -8.98 -15.68
N GLN A 129 0.11 -7.65 -15.76
CA GLN A 129 0.70 -6.86 -14.68
C GLN A 129 -0.01 -7.10 -13.36
N LEU A 130 -1.33 -7.15 -13.37
CA LEU A 130 -2.06 -7.43 -12.13
C LEU A 130 -1.93 -8.90 -11.74
N GLU A 131 -2.07 -9.80 -12.72
CA GLU A 131 -2.04 -11.24 -12.45
C GLU A 131 -0.76 -11.67 -11.76
N LEU A 132 0.39 -11.10 -12.16
CA LEU A 132 1.65 -11.55 -11.57
C LEU A 132 1.73 -11.20 -10.08
N VAL A 133 1.18 -10.04 -9.70
CA VAL A 133 1.13 -9.71 -8.28
C VAL A 133 0.16 -10.62 -7.55
N GLU A 134 -1.03 -10.87 -8.14
CA GLU A 134 -1.97 -11.81 -7.56
C GLU A 134 -1.30 -13.15 -7.29
N GLN A 135 -0.57 -13.67 -8.30
CA GLN A 135 0.09 -14.97 -8.16
C GLN A 135 1.07 -14.99 -7.00
N ALA A 136 1.83 -13.90 -6.82
CA ALA A 136 2.78 -13.85 -5.72
C ALA A 136 2.07 -13.81 -4.37
N MET A 137 0.95 -13.09 -4.28
CA MET A 137 0.23 -13.09 -3.02
C MET A 137 -0.46 -14.43 -2.77
N ILE A 138 -0.88 -15.12 -3.84
CA ILE A 138 -1.47 -16.46 -3.66
C ILE A 138 -0.42 -17.43 -3.12
N ARG A 139 0.80 -17.37 -3.66
CA ARG A 139 1.85 -18.30 -3.23
C ARG A 139 2.31 -18.02 -1.80
N ILE A 140 2.49 -16.73 -1.47
CA ILE A 140 3.07 -16.37 -0.18
C ILE A 140 2.02 -16.35 0.92
N LEU A 141 0.84 -15.78 0.63
CA LEU A 141 -0.17 -15.53 1.65
C LEU A 141 -1.43 -16.37 1.48
N GLY A 142 -1.63 -16.99 0.32
CA GLY A 142 -2.84 -17.75 0.06
C GLY A 142 -4.02 -16.94 -0.42
N VAL A 143 -3.83 -15.65 -0.69
CA VAL A 143 -4.93 -14.74 -1.01
C VAL A 143 -4.59 -13.90 -2.24
N LYS A 144 -5.65 -13.34 -2.84
CA LYS A 144 -5.57 -12.33 -3.90
C LYS A 144 -5.97 -10.98 -3.35
N PRO A 145 -5.35 -9.88 -3.78
CA PRO A 145 -5.81 -8.56 -3.34
C PRO A 145 -7.10 -8.18 -4.03
N LEU A 146 -7.87 -7.30 -3.38
CA LEU A 146 -9.10 -6.76 -3.94
C LEU A 146 -8.98 -5.27 -4.27
N TYR A 147 -7.84 -4.66 -4.02
CA TYR A 147 -7.65 -3.23 -4.27
C TYR A 147 -6.30 -2.98 -4.91
N MET A 148 -6.17 -1.80 -5.52
CA MET A 148 -4.90 -1.44 -6.12
C MET A 148 -4.80 0.06 -6.22
N ARG A 149 -3.57 0.52 -6.37
CA ARG A 149 -3.27 1.91 -6.60
C ARG A 149 -2.36 1.96 -7.82
N PRO A 150 -2.67 2.79 -8.81
CA PRO A 150 -1.86 2.83 -10.02
C PRO A 150 -0.56 3.58 -9.77
N PRO A 151 0.54 3.12 -10.38
CA PRO A 151 1.77 3.91 -10.31
C PRO A 151 1.55 5.28 -10.92
N TYR A 152 2.23 6.27 -10.34
CA TYR A 152 2.16 7.68 -10.74
C TYR A 152 0.75 8.26 -10.65
N GLY A 153 -0.20 7.52 -10.08
CA GLY A 153 -1.58 7.98 -10.06
C GLY A 153 -2.25 8.04 -11.42
N GLU A 154 -1.70 7.33 -12.41
CA GLU A 154 -2.18 7.40 -13.78
C GLU A 154 -3.08 6.19 -14.07
N TYR A 155 -4.32 6.46 -14.50
CA TYR A 155 -5.24 5.39 -14.87
C TYR A 155 -6.23 5.95 -15.89
N ASN A 156 -6.94 5.05 -16.55
CA ASN A 156 -7.92 5.45 -17.57
C ASN A 156 -9.04 4.42 -17.58
N ASP A 157 -9.90 4.49 -18.60
CA ASP A 157 -11.04 3.59 -18.65
C ASP A 157 -10.62 2.14 -18.83
N VAL A 158 -9.51 1.90 -19.52
CA VAL A 158 -9.11 0.50 -19.72
C VAL A 158 -8.61 -0.10 -18.42
N VAL A 159 -7.88 0.69 -17.63
CA VAL A 159 -7.45 0.24 -16.30
C VAL A 159 -8.66 -0.13 -15.44
N LEU A 160 -9.65 0.76 -15.39
CA LEU A 160 -10.83 0.48 -14.57
C LEU A 160 -11.57 -0.74 -15.07
N GLN A 161 -11.59 -0.94 -16.39
CA GLN A 161 -12.25 -2.14 -16.93
C GLN A 161 -11.50 -3.41 -16.53
N VAL A 162 -10.17 -3.37 -16.56
CA VAL A 162 -9.41 -4.55 -16.16
C VAL A 162 -9.64 -4.85 -14.68
N LEU A 163 -9.63 -3.80 -13.85
CA LEU A 163 -9.90 -3.98 -12.43
C LEU A 163 -11.26 -4.63 -12.23
N ARG A 164 -12.29 -4.13 -12.91
CA ARG A 164 -13.63 -4.72 -12.81
C ARG A 164 -13.62 -6.17 -13.25
N ASP A 165 -13.06 -6.46 -14.42
CA ASP A 165 -13.06 -7.84 -14.93
C ASP A 165 -12.31 -8.78 -14.00
N ARG A 166 -11.27 -8.31 -13.33
CA ARG A 166 -10.47 -9.15 -12.46
C ARG A 166 -11.00 -9.22 -11.04
N GLY A 167 -12.16 -8.61 -10.77
CA GLY A 167 -12.81 -8.73 -9.48
C GLY A 167 -12.35 -7.76 -8.41
N TYR A 168 -11.67 -6.67 -8.77
CA TYR A 168 -11.22 -5.70 -7.78
C TYR A 168 -12.39 -4.82 -7.32
N LYS A 169 -12.33 -4.39 -6.06
CA LYS A 169 -13.41 -3.60 -5.48
C LYS A 169 -13.12 -2.10 -5.42
N GLY A 170 -11.90 -1.68 -5.73
CA GLY A 170 -11.59 -0.27 -5.65
C GLY A 170 -10.22 0.08 -6.15
N LEU A 171 -10.07 1.32 -6.58
CA LEU A 171 -8.81 1.87 -6.97
C LEU A 171 -8.55 2.97 -5.96
N ILE A 172 -7.45 2.88 -5.27
CA ILE A 172 -7.14 3.81 -4.22
C ILE A 172 -6.08 4.85 -4.58
N MET A 173 -6.53 6.09 -4.65
CA MET A 173 -5.72 7.23 -4.90
C MET A 173 -5.29 7.80 -3.53
N TRP A 174 -5.11 9.10 -3.41
CA TRP A 174 -4.71 9.78 -2.17
C TRP A 174 -5.11 11.26 -2.20
N ASN A 175 -5.11 11.94 -1.08
CA ASN A 175 -5.42 13.36 -1.08
C ASN A 175 -4.38 14.26 -0.40
N GLN A 176 -3.26 13.71 0.11
CA GLN A 176 -2.13 14.52 0.56
C GLN A 176 -0.85 13.75 0.24
N ASP A 177 0.18 14.46 -0.22
CA ASP A 177 1.45 13.85 -0.61
C ASP A 177 2.51 14.26 0.40
N SER A 178 3.22 13.30 0.97
CA SER A 178 4.31 13.63 1.89
C SER A 178 5.39 14.44 1.19
N GLY A 179 5.53 14.24 -0.12
CA GLY A 179 6.64 14.79 -0.85
C GLY A 179 7.91 13.95 -0.79
N ASP A 180 7.87 12.75 -0.21
CA ASP A 180 9.14 12.10 0.02
C ASP A 180 9.80 11.59 -1.26
N THR A 181 9.11 11.60 -2.42
CA THR A 181 9.81 11.34 -3.68
C THR A 181 9.90 12.56 -4.58
N PHE A 182 9.47 13.74 -4.14
CA PHE A 182 9.73 14.95 -4.91
C PHE A 182 11.23 15.13 -5.11
N THR A 183 11.61 15.86 -6.15
CA THR A 183 13.03 16.19 -6.33
C THR A 183 13.16 17.64 -6.78
N PRO A 184 13.96 18.47 -6.08
CA PRO A 184 14.68 18.11 -4.84
C PRO A 184 13.74 17.67 -3.70
N THR A 185 14.27 16.93 -2.79
CA THR A 185 13.48 16.27 -1.75
C THR A 185 13.38 17.17 -0.52
N PRO A 186 12.17 17.38 0.00
CA PRO A 186 12.04 18.15 1.25
C PRO A 186 12.80 17.44 2.36
N SER A 187 13.29 18.23 3.31
CA SER A 187 13.90 17.60 4.47
C SER A 187 12.83 16.86 5.30
N SER A 188 13.30 15.92 6.11
CA SER A 188 12.43 15.26 7.08
C SER A 188 11.67 16.29 7.91
N ALA A 189 12.37 17.33 8.37
CA ALA A 189 11.73 18.34 9.21
C ALA A 189 10.57 18.98 8.47
N GLN A 190 10.76 19.24 7.16
CA GLN A 190 9.73 19.86 6.35
C GLN A 190 8.52 18.92 6.15
N ILE A 191 8.79 17.63 5.90
CA ILE A 191 7.70 16.67 5.73
C ILE A 191 6.93 16.53 7.03
N ILE A 192 7.63 16.39 8.15
CA ILE A 192 6.98 16.28 9.45
C ILE A 192 6.10 17.50 9.70
N ASP A 193 6.56 18.70 9.35
CA ASP A 193 5.74 19.88 9.58
C ASP A 193 4.51 19.89 8.68
N SER A 194 4.63 19.43 7.43
CA SER A 194 3.44 19.33 6.59
C SER A 194 2.40 18.43 7.23
N TYR A 195 2.83 17.34 7.86
CA TYR A 195 1.89 16.43 8.50
C TYR A 195 1.14 17.10 9.64
N ARG A 196 1.72 18.12 10.27
CA ARG A 196 1.04 18.84 11.35
C ARG A 196 -0.21 19.56 10.88
N SER A 197 -0.36 19.76 9.57
CA SER A 197 -1.49 20.48 9.02
C SER A 197 -2.39 19.61 8.15
N PHE A 198 -2.02 18.36 7.88
CA PHE A 198 -2.95 17.47 7.18
C PHE A 198 -4.21 17.30 8.03
N PRO A 199 -5.40 17.47 7.46
CA PRO A 199 -6.64 17.38 8.24
C PRO A 199 -7.06 15.94 8.47
N GLU A 200 -8.09 15.76 9.31
CA GLU A 200 -8.73 14.46 9.45
C GLU A 200 -9.19 13.96 8.08
N LYS A 201 -9.31 12.63 7.96
CA LYS A 201 -9.75 11.89 6.77
C LYS A 201 -8.72 11.91 5.64
N THR A 202 -7.50 12.36 5.91
CA THR A 202 -6.43 12.32 4.90
C THR A 202 -6.07 10.89 4.53
N ILE A 203 -5.84 10.66 3.23
CA ILE A 203 -5.10 9.50 2.75
C ILE A 203 -3.75 10.02 2.27
N SER A 204 -2.68 9.70 3.01
CA SER A 204 -1.39 10.32 2.77
C SER A 204 -0.49 9.36 1.98
N LEU A 205 0.15 9.90 0.95
CA LEU A 205 1.10 9.13 0.15
C LEU A 205 2.49 9.24 0.76
N ASN A 206 3.10 8.07 1.02
CA ASN A 206 4.51 7.96 1.38
C ASN A 206 5.11 6.82 0.55
N HIS A 207 6.43 6.69 0.62
CA HIS A 207 7.13 5.65 -0.10
C HIS A 207 8.04 4.91 0.86
N GLU A 208 7.83 3.60 0.95
CA GLU A 208 8.60 2.73 1.83
C GLU A 208 10.07 2.70 1.47
N ILE A 209 10.42 3.06 0.24
CA ILE A 209 11.78 2.92 -0.26
C ILE A 209 12.66 4.09 0.11
N LYS A 210 12.17 5.05 0.89
CA LYS A 210 12.96 6.20 1.33
C LYS A 210 13.35 6.00 2.80
N ASP A 211 14.65 5.93 3.08
CA ASP A 211 15.09 5.63 4.44
C ASP A 211 14.58 6.67 5.44
N PHE A 212 14.60 7.95 5.08
CA PHE A 212 14.21 8.97 6.03
C PHE A 212 12.71 8.90 6.34
N THR A 213 11.89 8.44 5.39
CA THR A 213 10.47 8.23 5.69
C THR A 213 10.30 7.23 6.82
N VAL A 214 11.05 6.13 6.76
CA VAL A 214 10.91 5.08 7.78
C VAL A 214 11.57 5.52 9.07
N ASP A 215 12.76 6.11 8.98
CA ASP A 215 13.58 6.33 10.15
C ASP A 215 13.35 7.68 10.82
N GLN A 216 12.76 8.65 10.13
CA GLN A 216 12.58 9.99 10.71
C GLN A 216 11.13 10.46 10.67
N VAL A 217 10.52 10.42 9.49
CA VAL A 217 9.18 11.00 9.34
C VAL A 217 8.16 10.22 10.15
N ILE A 218 8.06 8.91 9.90
CA ILE A 218 6.97 8.13 10.48
C ILE A 218 7.12 8.03 11.99
N PRO A 219 8.32 7.87 12.55
CA PRO A 219 8.41 7.88 14.02
C PRO A 219 8.01 9.20 14.64
N ALA A 220 8.17 10.31 13.91
CA ALA A 220 7.77 11.60 14.46
C ALA A 220 6.28 11.88 14.25
N VAL A 221 5.70 11.45 13.13
CA VAL A 221 4.33 11.85 12.84
C VAL A 221 3.27 10.92 13.43
N ILE A 222 3.61 9.67 13.75
CA ILE A 222 2.65 8.84 14.49
C ILE A 222 2.21 9.52 15.78
N PRO A 223 3.11 9.98 16.67
CA PRO A 223 2.64 10.68 17.87
C PRO A 223 1.89 11.97 17.57
N ILE A 224 2.33 12.74 16.58
CA ILE A 224 1.63 13.96 16.24
C ILE A 224 0.17 13.66 15.92
N LEU A 225 -0.05 12.66 15.04
CA LEU A 225 -1.41 12.41 14.58
C LEU A 225 -2.25 11.72 15.64
N GLN A 226 -1.67 10.75 16.37
CA GLN A 226 -2.45 10.08 17.41
C GLN A 226 -2.78 11.04 18.56
N GLN A 227 -1.83 11.91 18.93
CA GLN A 227 -2.05 12.77 20.09
C GLN A 227 -3.08 13.85 19.81
N LYS A 228 -3.29 14.20 18.56
CA LYS A 228 -4.31 15.20 18.21
C LYS A 228 -5.68 14.57 17.96
N GLY A 229 -5.81 13.27 18.17
CA GLY A 229 -7.11 12.64 18.11
C GLY A 229 -7.41 11.86 16.85
N PHE A 230 -6.44 11.64 15.98
CA PHE A 230 -6.70 10.87 14.78
C PHE A 230 -6.45 9.37 15.03
N SER A 231 -7.28 8.55 14.38
CA SER A 231 -7.16 7.10 14.45
C SER A 231 -6.46 6.64 13.19
N LEU A 232 -5.26 6.06 13.35
CA LEU A 232 -4.43 5.66 12.20
C LEU A 232 -4.94 4.31 11.69
N GLN A 233 -5.80 4.36 10.69
CA GLN A 233 -6.49 3.18 10.15
C GLN A 233 -6.00 2.83 8.76
N THR A 234 -6.28 1.59 8.35
CA THR A 234 -6.11 1.17 6.95
C THR A 234 -7.13 1.88 6.07
N VAL A 235 -6.84 1.92 4.76
CA VAL A 235 -7.76 2.58 3.82
C VAL A 235 -9.14 1.96 3.84
N PRO A 236 -9.32 0.64 3.74
CA PRO A 236 -10.69 0.08 3.81
C PRO A 236 -11.45 0.47 5.05
N GLU A 237 -10.82 0.39 6.23
CA GLU A 237 -11.55 0.81 7.42
C GLU A 237 -11.88 2.29 7.38
N CYS A 238 -10.94 3.11 6.90
CA CYS A 238 -11.18 4.55 6.96
C CYS A 238 -12.26 4.97 5.97
N LEU A 239 -12.54 4.14 4.97
CA LEU A 239 -13.62 4.37 4.01
C LEU A 239 -14.96 3.81 4.47
N GLY A 240 -15.04 3.31 5.71
CA GLY A 240 -16.28 2.72 6.17
C GLY A 240 -16.61 1.39 5.54
N LEU A 241 -15.69 0.81 4.77
CA LEU A 241 -15.85 -0.57 4.37
C LEU A 241 -15.51 -1.39 5.61
N SER A 242 -15.10 -2.64 5.42
CA SER A 242 -14.90 -3.47 6.59
C SER A 242 -13.59 -3.15 7.30
N SER A 243 -13.58 -3.35 8.61
CA SER A 243 -12.36 -3.28 9.39
C SER A 243 -11.79 -4.65 9.71
N ASP A 244 -12.42 -5.72 9.22
CA ASP A 244 -11.90 -7.07 9.36
C ASP A 244 -10.94 -7.37 8.22
N PRO A 245 -9.66 -7.67 8.49
CA PRO A 245 -8.69 -7.80 7.38
C PRO A 245 -9.09 -8.83 6.33
N ALA A 246 -9.78 -9.91 6.74
CA ALA A 246 -10.14 -10.96 5.80
C ALA A 246 -11.01 -10.44 4.67
N ASP A 247 -11.75 -9.35 4.90
CA ASP A 247 -12.60 -8.79 3.86
C ASP A 247 -11.83 -8.02 2.81
N TRP A 248 -10.53 -7.82 2.99
CA TRP A 248 -9.74 -7.07 2.01
C TRP A 248 -9.11 -7.96 0.95
N TYR A 249 -9.36 -9.24 1.02
CA TYR A 249 -8.78 -10.19 0.14
C TYR A 249 -9.68 -11.37 -0.19
N VAL A 250 -9.31 -12.08 -1.25
CA VAL A 250 -9.97 -13.29 -1.66
C VAL A 250 -9.13 -14.50 -1.24
N ARG A 251 -9.66 -15.38 -0.39
CA ARG A 251 -8.93 -16.58 0.03
C ARG A 251 -8.90 -17.49 -1.16
N VAL A 252 -7.74 -17.96 -1.52
CA VAL A 252 -7.62 -18.83 -2.63
C VAL A 252 -7.25 -20.25 -2.26
N GLN A 253 -6.26 -20.37 -1.42
CA GLN A 253 -5.75 -21.68 -1.01
C GLN A 253 -4.82 -21.44 0.18
N GLU A 254 -4.29 -22.53 0.72
CA GLU A 254 -3.33 -22.44 1.81
C GLU A 254 -2.03 -21.81 1.29
N PRO A 255 -1.33 -21.03 2.10
CA PRO A 255 -0.06 -20.45 1.65
C PRO A 255 0.90 -21.57 1.26
N GLY A 256 1.73 -21.29 0.26
CA GLY A 256 2.72 -22.25 -0.19
C GLY A 256 3.99 -22.21 0.64
N THR A 257 4.86 -23.18 0.38
CA THR A 257 6.20 -23.17 0.93
C THR A 257 7.15 -22.72 -0.17
N ARG A 258 8.21 -22.01 0.23
CA ARG A 258 9.18 -21.53 -0.75
C ARG A 258 9.75 -22.68 -1.56
N ASP A 259 9.70 -22.56 -2.87
CA ASP A 259 10.35 -23.51 -3.77
C ASP A 259 10.99 -22.71 -4.90
N ASP A 260 11.41 -23.40 -5.96
CA ASP A 260 12.11 -22.77 -7.07
C ASP A 260 11.23 -21.82 -7.87
N SER A 261 9.92 -21.83 -7.66
CA SER A 261 9.06 -20.91 -8.42
C SER A 261 9.00 -19.53 -7.79
N TRP A 262 9.50 -19.35 -6.57
CA TRP A 262 9.49 -18.06 -5.88
C TRP A 262 10.63 -17.20 -6.39
N THR A 263 10.44 -16.67 -7.60
CA THR A 263 11.47 -15.92 -8.31
C THR A 263 10.80 -14.89 -9.21
N CYS A 264 11.48 -13.76 -9.38
CA CYS A 264 11.10 -12.77 -10.37
C CYS A 264 11.90 -12.92 -11.65
N GLU A 265 12.73 -13.96 -11.74
CA GLU A 265 13.60 -14.20 -12.88
C GLU A 265 13.05 -15.36 -13.71
ZN ZN B . 4.80 4.24 -7.16
#